data_6LKO
#
_entry.id   6LKO
#
_cell.length_a   44.550
_cell.length_b   79.740
_cell.length_c   135.020
_cell.angle_alpha   90.000
_cell.angle_beta   90.000
_cell.angle_gamma   90.000
#
_symmetry.space_group_name_H-M   'P 2 21 21'
#
loop_
_entity.id
_entity.type
_entity.pdbx_description
1 polymer 'Asparaginyl endopeptidase'
2 non-polymer 2-acetamido-2-deoxy-beta-D-glucopyranose
3 non-polymer DI(HYDROXYETHYL)ETHER
4 water water
#
_entity_poly.entity_id   1
_entity_poly.type   'polypeptide(L)'
_entity_poly.pdbx_seq_one_letter_code
;MVSAIVLYVLLAAAAHSAFAAAMGHHHHHHSSGVDLGTENLYFQSMARLNPQKEWDSVIRLPTEPVDADTDEVGTRWAVL
VAGSNGYENYRHQADVCHAYQLLIKGGLKEENIVVFMYDDIAWHELNPRPGVIINNPRGEDVYAGVPKDYTGEDVTAENL
FAVILGDRSKVKGGSGKVINSKPEDRIFIFYS(SNN)HGGAGVLGMPNEQILYAMDFIDVLKKKHASGGYREMVIYVEAC
ESGSLFEGIMPKDLNVFVTTASNAQENSWVTYCPGTEPSPPPEYTTCLGDLYSVAWMEDSESHNLRRETVNQQYRSVKER
TSNFKDYAMGSHVMQYGDTNITAEKLYLFQGFDPATVNLPPHNGRIEAKMEVVHQRDAELLFMWQMYQRSNHLLGKKTHI
LKQIAETVKHRNHLDGSVELIGVLLYGPGKGSPVLQSVRDPGLPLVDNWACLKSMVRVFESHCGSLTQYGMKHMRAFANI
CNSGVSESSMEEACMVACGGHDAGHL
;
_entity_poly.pdbx_strand_id   A
#
loop_
_chem_comp.id
_chem_comp.type
_chem_comp.name
_chem_comp.formula
NAG D-saccharide, beta linking 2-acetamido-2-deoxy-beta-D-glucopyranose 'C8 H15 N O6'
PEG non-polymer DI(HYDROXYETHYL)ETHER 'C4 H10 O3'
#
# COMPACT_ATOMS: atom_id res chain seq x y z
N GLY A 74 1.87 13.22 26.08
CA GLY A 74 1.99 13.63 24.69
C GLY A 74 0.73 13.45 23.86
N THR A 75 0.83 13.80 22.57
CA THR A 75 -0.30 13.74 21.65
C THR A 75 -0.08 12.64 20.62
N ARG A 76 -1.15 11.91 20.31
CA ARG A 76 -1.11 10.84 19.32
C ARG A 76 -1.59 11.36 17.97
N TRP A 77 -0.77 11.17 16.93
CA TRP A 77 -1.04 11.62 15.57
C TRP A 77 -1.17 10.42 14.65
N ALA A 78 -1.83 10.62 13.52
CA ALA A 78 -1.87 9.55 12.53
C ALA A 78 -1.89 10.13 11.13
N VAL A 79 -1.37 9.35 10.19
CA VAL A 79 -1.45 9.61 8.75
C VAL A 79 -2.00 8.36 8.12
N LEU A 80 -3.09 8.49 7.38
CA LEU A 80 -3.74 7.36 6.73
C LEU A 80 -3.78 7.62 5.23
N VAL A 81 -3.23 6.70 4.44
CA VAL A 81 -3.06 6.92 3.00
C VAL A 81 -3.62 5.73 2.22
N ALA A 82 -4.54 6.00 1.29
CA ALA A 82 -4.87 5.07 0.23
C ALA A 82 -4.15 5.52 -1.03
N GLY A 83 -3.32 4.65 -1.60
CA GLY A 83 -2.49 5.05 -2.73
C GLY A 83 -3.12 4.87 -4.10
N SER A 84 -4.41 4.57 -4.16
CA SER A 84 -5.06 4.16 -5.39
C SER A 84 -6.37 4.90 -5.56
N ASN A 85 -6.97 4.78 -6.75
CA ASN A 85 -8.33 5.25 -6.93
C ASN A 85 -9.04 4.28 -7.87
N GLY A 86 -10.26 4.63 -8.25
CA GLY A 86 -11.07 3.76 -9.08
C GLY A 86 -11.93 2.83 -8.26
N TYR A 87 -13.15 2.55 -8.71
CA TYR A 87 -14.05 1.66 -7.97
C TYR A 87 -13.48 0.26 -7.82
N GLU A 88 -12.67 -0.19 -8.79
CA GLU A 88 -12.00 -1.48 -8.64
C GLU A 88 -11.17 -1.54 -7.36
N ASN A 89 -10.74 -0.37 -6.87
CA ASN A 89 -9.86 -0.26 -5.71
C ASN A 89 -10.58 0.28 -4.48
N TYR A 90 -11.91 0.21 -4.47
CA TYR A 90 -12.74 0.48 -3.29
C TYR A 90 -12.09 0.15 -1.98
N ARG A 91 -11.43 -1.01 -1.91
CA ARG A 91 -11.00 -1.57 -0.63
C ARG A 91 -9.97 -0.69 0.03
N HIS A 92 -9.10 -0.05 -0.75
CA HIS A 92 -8.00 0.70 -0.16
C HIS A 92 -8.49 1.93 0.59
N GLN A 93 -9.49 2.63 0.04
CA GLN A 93 -10.09 3.73 0.79
C GLN A 93 -11.04 3.22 1.85
N ALA A 94 -11.65 2.06 1.62
CA ALA A 94 -12.41 1.41 2.69
C ALA A 94 -11.52 1.13 3.88
N ASP A 95 -10.33 0.55 3.65
CA ASP A 95 -9.39 0.31 4.75
C ASP A 95 -9.08 1.60 5.51
N VAL A 96 -8.74 2.64 4.76
CA VAL A 96 -8.31 3.91 5.37
C VAL A 96 -9.47 4.53 6.16
N CYS A 97 -10.68 4.48 5.62
CA CYS A 97 -11.82 5.04 6.33
C CYS A 97 -12.09 4.27 7.64
N HIS A 98 -12.04 2.95 7.60
CA HIS A 98 -12.15 2.14 8.82
C HIS A 98 -11.08 2.52 9.84
N ALA A 99 -9.82 2.63 9.38
CA ALA A 99 -8.76 3.01 10.32
C ALA A 99 -9.06 4.36 10.98
N TYR A 100 -9.61 5.32 10.21
CA TYR A 100 -9.98 6.62 10.77
C TYR A 100 -11.01 6.46 11.89
N GLN A 101 -12.10 5.74 11.63
CA GLN A 101 -13.13 5.56 12.66
C GLN A 101 -12.57 4.84 13.88
N LEU A 102 -11.67 3.88 13.66
CA LEU A 102 -11.04 3.17 14.77
C LEU A 102 -10.27 4.12 15.67
N LEU A 103 -9.52 5.05 15.07
CA LEU A 103 -8.66 5.93 15.85
C LEU A 103 -9.49 6.97 16.61
N ILE A 104 -10.54 7.47 15.97
CA ILE A 104 -11.46 8.39 16.65
C ILE A 104 -12.09 7.71 17.87
N LYS A 105 -12.54 6.46 17.72
CA LYS A 105 -13.12 5.73 18.83
C LYS A 105 -12.13 5.55 19.97
N GLY A 106 -10.85 5.43 19.65
CA GLY A 106 -9.84 5.39 20.69
C GLY A 106 -9.41 6.72 21.26
N GLY A 107 -10.04 7.84 20.89
CA GLY A 107 -9.73 9.11 21.50
C GLY A 107 -8.67 9.95 20.83
N LEU A 108 -8.08 9.50 19.73
CA LEU A 108 -7.32 10.42 18.90
C LEU A 108 -8.24 11.51 18.37
N LYS A 109 -7.69 12.70 18.19
CA LYS A 109 -8.49 13.84 17.77
C LYS A 109 -8.35 14.05 16.27
N GLU A 110 -9.43 14.55 15.66
CA GLU A 110 -9.48 14.67 14.20
C GLU A 110 -8.39 15.60 13.69
N GLU A 111 -8.06 16.65 14.46
CA GLU A 111 -7.02 17.59 14.06
C GLU A 111 -5.64 16.96 14.00
N ASN A 112 -5.45 15.79 14.61
CA ASN A 112 -4.15 15.12 14.61
C ASN A 112 -4.11 13.94 13.65
N ILE A 113 -5.15 13.69 12.87
CA ILE A 113 -5.22 12.57 11.94
C ILE A 113 -5.34 13.13 10.53
N VAL A 114 -4.34 12.89 9.71
CA VAL A 114 -4.34 13.36 8.31
C VAL A 114 -4.79 12.22 7.43
N VAL A 115 -5.82 12.46 6.61
CA VAL A 115 -6.39 11.43 5.74
C VAL A 115 -6.10 11.80 4.29
N PHE A 116 -5.41 10.90 3.57
CA PHE A 116 -5.20 10.96 2.11
C PHE A 116 -6.14 9.93 1.51
N MET A 117 -7.17 10.38 0.79
CA MET A 117 -7.98 9.45 -0.01
C MET A 117 -8.47 10.17 -1.26
N TYR A 118 -8.38 9.49 -2.40
CA TYR A 118 -8.80 10.16 -3.64
C TYR A 118 -10.24 10.64 -3.53
N ASP A 119 -11.12 9.86 -2.87
CA ASP A 119 -12.49 10.22 -2.51
C ASP A 119 -13.45 10.07 -3.68
N ASP A 120 -13.20 9.09 -4.55
CA ASP A 120 -14.07 8.80 -5.70
C ASP A 120 -14.98 7.60 -5.48
N ILE A 121 -15.08 7.11 -4.25
CA ILE A 121 -15.76 5.84 -3.95
C ILE A 121 -17.16 6.08 -3.43
N ALA A 122 -17.30 6.93 -2.41
CA ALA A 122 -18.55 7.01 -1.68
C ALA A 122 -19.72 7.36 -2.61
N TRP A 123 -19.49 8.27 -3.56
CA TRP A 123 -20.54 8.70 -4.47
C TRP A 123 -20.29 8.20 -5.89
N HIS A 124 -19.45 7.18 -6.05
CA HIS A 124 -19.26 6.57 -7.35
C HIS A 124 -20.60 6.12 -7.92
N GLU A 125 -20.77 6.28 -9.23
CA GLU A 125 -22.01 5.84 -9.87
C GLU A 125 -22.22 4.33 -9.71
N LEU A 126 -21.16 3.56 -9.49
CA LEU A 126 -21.28 2.12 -9.32
C LEU A 126 -21.53 1.72 -7.88
N ASN A 127 -21.50 2.67 -6.93
CA ASN A 127 -21.63 2.29 -5.52
C ASN A 127 -23.09 2.00 -5.19
N PRO A 128 -23.43 0.74 -4.89
CA PRO A 128 -24.83 0.40 -4.59
C PRO A 128 -25.37 1.04 -3.33
N ARG A 129 -24.50 1.60 -2.48
CA ARG A 129 -24.90 2.33 -1.26
C ARG A 129 -24.33 3.74 -1.33
N PRO A 130 -24.99 4.64 -2.06
CA PRO A 130 -24.45 6.00 -2.23
C PRO A 130 -24.19 6.67 -0.88
N GLY A 131 -23.04 7.33 -0.78
CA GLY A 131 -22.62 8.00 0.44
C GLY A 131 -22.07 7.09 1.53
N VAL A 132 -21.93 5.80 1.27
CA VAL A 132 -21.53 4.83 2.27
C VAL A 132 -20.35 4.01 1.76
N ILE A 133 -19.40 3.74 2.64
CA ILE A 133 -18.30 2.81 2.37
C ILE A 133 -18.26 1.81 3.52
N ILE A 134 -18.13 0.52 3.20
CA ILE A 134 -17.98 -0.49 4.23
C ILE A 134 -16.67 -1.23 4.04
N ASN A 135 -16.19 -1.88 5.10
CA ASN A 135 -14.88 -2.51 5.06
C ASN A 135 -14.91 -3.99 5.47
N ASN A 136 -16.10 -4.57 5.66
CA ASN A 136 -16.22 -5.99 5.91
C ASN A 136 -17.70 -6.39 5.78
N PRO A 137 -18.03 -7.69 5.71
CA PRO A 137 -19.41 -8.07 5.36
C PRO A 137 -20.47 -7.66 6.38
N ARG A 138 -20.10 -7.23 7.58
CA ARG A 138 -21.12 -6.75 8.51
C ARG A 138 -21.68 -5.38 8.14
N GLY A 139 -21.09 -4.70 7.17
CA GLY A 139 -21.77 -3.61 6.48
C GLY A 139 -21.95 -2.33 7.25
N GLU A 140 -21.09 -2.04 8.22
CA GLU A 140 -21.19 -0.76 8.92
C GLU A 140 -20.43 0.32 8.15
N ASP A 141 -21.07 1.49 7.97
CA ASP A 141 -20.46 2.57 7.21
C ASP A 141 -19.26 3.12 7.97
N VAL A 142 -18.17 3.36 7.23
CA VAL A 142 -16.98 4.01 7.78
C VAL A 142 -16.69 5.35 7.12
N TYR A 143 -17.56 5.82 6.23
CA TYR A 143 -17.27 7.04 5.48
C TYR A 143 -17.67 8.31 6.22
N ALA A 144 -18.83 8.31 6.88
CA ALA A 144 -19.34 9.53 7.52
C ALA A 144 -18.34 10.05 8.54
N GLY A 145 -18.02 11.33 8.44
CA GLY A 145 -17.13 11.98 9.37
C GLY A 145 -15.67 11.95 8.97
N VAL A 146 -15.31 11.21 7.94
CA VAL A 146 -13.92 11.17 7.52
C VAL A 146 -13.59 12.52 6.90
N PRO A 147 -12.56 13.22 7.41
CA PRO A 147 -12.22 14.54 6.87
C PRO A 147 -11.62 14.48 5.47
N LYS A 148 -11.77 15.58 4.74
CA LYS A 148 -11.23 15.69 3.38
C LYS A 148 -9.93 16.48 3.46
N ASP A 149 -8.85 15.80 3.85
CA ASP A 149 -7.59 16.53 4.03
C ASP A 149 -6.84 16.65 2.70
N TYR A 150 -6.53 15.52 2.07
CA TYR A 150 -5.88 15.47 0.77
C TYR A 150 -6.67 14.49 -0.08
N THR A 151 -7.41 15.03 -1.04
CA THR A 151 -8.26 14.24 -1.91
C THR A 151 -7.91 14.55 -3.36
N GLY A 152 -8.44 13.71 -4.24
CA GLY A 152 -8.30 13.95 -5.67
C GLY A 152 -6.87 14.17 -6.08
N GLU A 153 -6.65 15.24 -6.84
CA GLU A 153 -5.33 15.60 -7.33
C GLU A 153 -4.32 15.88 -6.21
N ASP A 154 -4.78 16.10 -4.98
CA ASP A 154 -3.83 16.42 -3.90
C ASP A 154 -3.24 15.18 -3.23
N VAL A 155 -3.69 13.97 -3.61
CA VAL A 155 -3.10 12.76 -3.04
C VAL A 155 -1.78 12.49 -3.76
N THR A 156 -0.69 13.12 -3.29
CA THR A 156 0.62 13.03 -3.93
C THR A 156 1.68 12.64 -2.91
N ALA A 157 2.78 12.05 -3.41
CA ALA A 157 3.91 11.75 -2.53
C ALA A 157 4.47 13.03 -1.92
N GLU A 158 4.50 14.11 -2.71
CA GLU A 158 5.02 15.39 -2.24
C GLU A 158 4.18 15.91 -1.08
N ASN A 159 2.86 15.77 -1.17
CA ASN A 159 2.01 16.19 -0.05
C ASN A 159 2.17 15.23 1.12
N LEU A 160 2.33 13.93 0.85
CA LEU A 160 2.52 12.98 1.95
C LEU A 160 3.81 13.30 2.71
N PHE A 161 4.90 13.49 1.96
CA PHE A 161 6.17 13.86 2.59
C PHE A 161 6.05 15.14 3.39
N ALA A 162 5.37 16.14 2.83
CA ALA A 162 5.21 17.42 3.54
C ALA A 162 4.33 17.27 4.77
N VAL A 163 3.28 16.44 4.70
CA VAL A 163 2.46 16.21 5.88
C VAL A 163 3.30 15.58 7.00
N ILE A 164 4.11 14.58 6.65
CA ILE A 164 4.89 13.89 7.67
C ILE A 164 5.90 14.83 8.30
N LEU A 165 6.55 15.65 7.48
CA LEU A 165 7.52 16.60 8.00
C LEU A 165 6.84 17.68 8.84
N GLY A 166 5.56 17.93 8.63
CA GLY A 166 4.86 18.89 9.45
C GLY A 166 5.09 20.33 9.08
N ASP A 167 5.54 20.60 7.85
CA ASP A 167 5.76 21.96 7.37
C ASP A 167 4.62 22.30 6.41
N ARG A 168 3.62 23.02 6.93
CA ARG A 168 2.43 23.38 6.16
C ARG A 168 2.78 24.17 4.91
N SER A 169 3.91 24.86 4.91
CA SER A 169 4.23 25.70 3.76
C SER A 169 4.64 24.88 2.54
N LYS A 170 4.99 23.61 2.71
CA LYS A 170 5.38 22.79 1.57
C LYS A 170 4.25 21.93 1.04
N VAL A 171 3.06 22.06 1.60
CA VAL A 171 1.87 21.38 1.09
C VAL A 171 1.33 22.13 -0.12
N LYS A 172 0.82 21.39 -1.10
CA LYS A 172 0.13 21.98 -2.26
C LYS A 172 -1.32 21.51 -2.24
N GLY A 173 -2.25 22.46 -2.09
CA GLY A 173 -3.66 22.09 -2.03
C GLY A 173 -4.06 21.48 -0.69
N GLY A 174 -5.20 20.78 -0.73
CA GLY A 174 -5.75 20.12 0.45
C GLY A 174 -6.10 21.06 1.61
N SER A 175 -6.28 20.45 2.79
CA SER A 175 -6.72 21.20 3.95
C SER A 175 -5.61 22.00 4.63
N GLY A 176 -4.33 21.68 4.38
CA GLY A 176 -3.25 22.27 5.13
C GLY A 176 -2.93 21.57 6.43
N LYS A 177 -3.71 20.57 6.83
CA LYS A 177 -3.39 19.79 8.03
C LYS A 177 -2.10 19.01 7.82
N VAL A 178 -1.19 19.07 8.80
CA VAL A 178 0.11 18.41 8.73
C VAL A 178 0.43 17.80 10.08
N ILE A 179 1.50 17.01 10.13
CA ILE A 179 1.94 16.46 11.42
C ILE A 179 2.98 17.41 12.04
N ASN A 180 2.53 18.55 12.55
CA ASN A 180 3.45 19.47 13.23
C ASN A 180 3.51 19.08 14.71
N SER A 181 4.16 17.94 14.94
CA SER A 181 4.21 17.25 16.22
C SER A 181 5.42 17.68 17.06
N LYS A 182 5.33 17.40 18.36
CA LYS A 182 6.30 17.75 19.40
C LYS A 182 7.14 16.54 19.80
N PRO A 183 8.29 16.77 20.45
CA PRO A 183 9.20 15.64 20.73
C PRO A 183 8.61 14.54 21.60
N GLU A 184 7.59 14.84 22.41
CA GLU A 184 6.94 13.83 23.24
C GLU A 184 5.80 13.12 22.52
N ASP A 185 5.51 13.44 21.26
CA ASP A 185 4.34 12.89 20.60
C ASP A 185 4.65 11.54 19.95
N ARG A 186 3.59 10.76 19.74
CA ARG A 186 3.70 9.53 18.98
C ARG A 186 2.88 9.63 17.70
N ILE A 187 3.31 8.88 16.68
CA ILE A 187 2.74 8.94 15.33
C ILE A 187 2.46 7.53 14.84
N PHE A 188 1.33 7.36 14.17
CA PHE A 188 0.92 6.09 13.60
C PHE A 188 0.61 6.32 12.13
N ILE A 189 1.29 5.59 11.23
CA ILE A 189 1.10 5.73 9.80
C ILE A 189 0.59 4.42 9.23
N PHE A 190 -0.47 4.49 8.42
CA PHE A 190 -1.05 3.31 7.78
C PHE A 190 -1.24 3.63 6.30
N TYR A 191 -0.61 2.82 5.44
CA TYR A 191 -0.75 2.95 3.99
C TYR A 191 -1.41 1.68 3.46
N SER A 192 -2.36 1.84 2.52
CA SER A 192 -3.00 0.68 1.91
C SER A 192 -3.20 0.94 0.43
C SNN A 193 -1.99 -1.01 -2.54
CA SNN A 193 -2.90 -0.02 -1.90
N SNN A 193 -2.64 0.32 -0.51
C4 SNN A 193 -2.46 1.34 -2.47
C5 SNN A 193 -1.78 0.94 -3.90
O SNN A 193 -1.79 -2.07 -2.19
O5 SNN A 193 -1.61 1.61 -4.78
N HIS A 194 -1.46 -0.57 -3.87
CA HIS A 194 -0.65 -1.36 -4.77
C HIS A 194 0.78 -0.95 -4.55
N GLY A 195 1.68 -1.83 -4.94
CA GLY A 195 3.08 -1.54 -4.82
C GLY A 195 3.86 -2.54 -5.64
N GLY A 196 5.18 -2.42 -5.52
CA GLY A 196 6.09 -3.38 -6.06
C GLY A 196 7.40 -3.23 -5.35
N ALA A 197 8.44 -3.81 -5.92
CA ALA A 197 9.74 -3.81 -5.26
C ALA A 197 10.23 -2.37 -5.06
N GLY A 198 10.37 -1.95 -3.81
CA GLY A 198 10.88 -0.63 -3.53
C GLY A 198 9.95 0.52 -3.85
N VAL A 199 8.70 0.28 -4.23
CA VAL A 199 7.83 1.38 -4.64
C VAL A 199 6.41 1.20 -4.11
N LEU A 200 5.75 2.33 -3.91
CA LEU A 200 4.34 2.37 -3.49
C LEU A 200 3.57 3.23 -4.51
N GLY A 201 2.36 2.84 -4.78
CA GLY A 201 1.52 3.59 -5.69
C GLY A 201 0.90 4.82 -5.05
N MET A 202 0.60 5.78 -5.88
CA MET A 202 -0.16 7.00 -5.51
C MET A 202 -1.13 7.23 -6.68
N PRO A 203 -2.32 7.81 -6.47
CA PRO A 203 -3.32 7.87 -7.52
C PRO A 203 -2.89 8.53 -8.84
N ASN A 204 -3.41 8.00 -9.94
CA ASN A 204 -3.12 8.47 -11.33
C ASN A 204 -1.63 8.34 -11.71
N GLU A 205 -1.13 7.11 -11.79
CA GLU A 205 0.24 6.79 -12.31
C GLU A 205 1.39 7.50 -11.57
N GLN A 206 1.28 7.80 -10.28
CA GLN A 206 2.47 8.33 -9.59
C GLN A 206 3.14 7.17 -8.85
N ILE A 207 4.45 7.23 -8.66
CA ILE A 207 5.21 6.16 -7.95
C ILE A 207 5.98 6.80 -6.81
N LEU A 208 5.92 6.18 -5.64
CA LEU A 208 6.63 6.64 -4.43
C LEU A 208 7.77 5.66 -4.19
N TYR A 209 9.00 6.13 -4.18
CA TYR A 209 10.20 5.30 -4.05
C TYR A 209 10.61 5.18 -2.59
N ALA A 210 10.92 3.95 -2.17
CA ALA A 210 11.14 3.65 -0.77
C ALA A 210 12.18 4.57 -0.14
N MET A 211 13.29 4.79 -0.85
CA MET A 211 14.39 5.54 -0.25
C MET A 211 13.99 6.98 0.03
N ASP A 212 13.12 7.57 -0.78
CA ASP A 212 12.60 8.89 -0.48
C ASP A 212 11.77 8.87 0.79
N PHE A 213 11.05 7.78 1.03
CA PHE A 213 10.29 7.65 2.25
C PHE A 213 11.21 7.51 3.45
N ILE A 214 12.26 6.68 3.34
CA ILE A 214 13.26 6.59 4.39
C ILE A 214 13.85 7.96 4.69
N ASP A 215 14.18 8.71 3.63
CA ASP A 215 14.78 10.04 3.80
C ASP A 215 13.86 10.96 4.59
N VAL A 216 12.56 10.93 4.30
CA VAL A 216 11.62 11.72 5.08
C VAL A 216 11.65 11.32 6.56
N LEU A 217 11.72 10.01 6.86
CA LEU A 217 11.75 9.59 8.26
C LEU A 217 13.03 10.08 8.95
N LYS A 218 14.17 9.98 8.27
CA LYS A 218 15.43 10.48 8.84
C LYS A 218 15.36 11.99 9.09
N LYS A 219 14.75 12.73 8.15
CA LYS A 219 14.63 14.18 8.29
C LYS A 219 13.74 14.51 9.47
N LYS A 220 12.58 13.84 9.55
CA LYS A 220 11.65 14.08 10.63
C LYS A 220 12.28 13.76 11.97
N HIS A 221 12.96 12.61 12.05
CA HIS A 221 13.69 12.26 13.26
C HIS A 221 14.73 13.31 13.62
N ALA A 222 15.50 13.77 12.64
CA ALA A 222 16.55 14.74 12.93
C ALA A 222 16.01 16.08 13.43
N SER A 223 14.74 16.40 13.17
CA SER A 223 14.17 17.64 13.69
C SER A 223 13.51 17.47 15.06
N GLY A 224 13.63 16.28 15.68
CA GLY A 224 13.04 16.03 16.98
C GLY A 224 11.53 16.12 16.98
N GLY A 225 10.88 15.50 16.00
CA GLY A 225 9.46 15.68 15.82
C GLY A 225 8.53 14.72 16.53
N TYR A 226 9.05 13.71 17.23
CA TYR A 226 8.22 12.67 17.82
C TYR A 226 9.08 11.84 18.76
N ARG A 227 8.41 11.13 19.66
CA ARG A 227 9.07 10.17 20.53
C ARG A 227 9.20 8.81 19.86
N GLU A 228 8.10 8.28 19.34
CA GLU A 228 8.12 7.00 18.63
C GLU A 228 7.06 7.03 17.52
N MET A 229 7.25 6.14 16.56
CA MET A 229 6.36 6.06 15.42
C MET A 229 6.18 4.60 15.08
N VAL A 230 4.95 4.26 14.67
CA VAL A 230 4.62 2.92 14.19
C VAL A 230 4.07 3.08 12.78
N ILE A 231 4.56 2.27 11.85
CA ILE A 231 4.13 2.31 10.45
C ILE A 231 3.63 0.94 10.03
N TYR A 232 2.42 0.89 9.47
CA TYR A 232 1.84 -0.32 8.86
C TYR A 232 1.69 -0.09 7.36
N VAL A 233 2.21 -1.01 6.54
CA VAL A 233 2.18 -0.84 5.09
C VAL A 233 1.51 -2.05 4.43
N GLU A 234 0.41 -1.81 3.75
CA GLU A 234 -0.35 -2.80 3.00
C GLU A 234 -0.08 -2.56 1.52
N ALA A 235 0.73 -3.42 0.91
CA ALA A 235 1.06 -3.32 -0.51
C ALA A 235 1.89 -4.53 -0.91
N CYS A 236 1.92 -4.81 -2.21
CA CYS A 236 2.71 -5.90 -2.75
C CYS A 236 4.19 -5.66 -2.48
N GLU A 237 4.90 -6.74 -2.15
CA GLU A 237 6.36 -6.72 -2.02
C GLU A 237 6.81 -5.66 -1.02
N SER A 238 5.96 -5.36 -0.03
CA SER A 238 6.17 -4.19 0.81
C SER A 238 7.35 -4.35 1.76
N GLY A 239 7.81 -5.58 2.00
CA GLY A 239 9.06 -5.75 2.72
C GLY A 239 10.23 -5.05 2.05
N SER A 240 10.21 -4.98 0.71
CA SER A 240 11.33 -4.37 -0.02
C SER A 240 11.43 -2.86 0.19
N LEU A 241 10.43 -2.23 0.79
CA LEU A 241 10.51 -0.80 1.09
C LEU A 241 11.45 -0.51 2.25
N PHE A 242 11.81 -1.53 3.03
CA PHE A 242 12.61 -1.33 4.22
C PHE A 242 13.81 -2.24 4.34
N GLU A 243 13.83 -3.38 3.66
CA GLU A 243 14.94 -4.30 3.85
C GLU A 243 16.24 -3.66 3.36
N GLY A 244 17.28 -3.73 4.19
CA GLY A 244 18.58 -3.18 3.84
C GLY A 244 18.69 -1.66 3.85
N ILE A 245 17.61 -0.93 4.13
CA ILE A 245 17.68 0.53 4.13
C ILE A 245 17.00 1.16 5.33
N MET A 246 16.14 0.47 6.07
CA MET A 246 15.46 1.10 7.19
C MET A 246 16.36 1.14 8.41
N PRO A 247 16.83 2.31 8.85
CA PRO A 247 17.67 2.35 10.05
C PRO A 247 16.88 1.96 11.29
N LYS A 248 17.58 1.48 12.30
CA LYS A 248 16.94 1.09 13.54
C LYS A 248 17.02 2.14 14.63
N ASP A 249 17.68 3.26 14.37
CA ASP A 249 17.91 4.31 15.37
C ASP A 249 16.95 5.48 15.21
N LEU A 250 15.79 5.27 14.58
CA LEU A 250 14.85 6.35 14.30
C LEU A 250 13.64 6.35 15.23
N ASN A 251 13.63 5.48 16.25
CA ASN A 251 12.43 5.30 17.07
C ASN A 251 11.21 5.00 16.21
N VAL A 252 11.43 4.27 15.11
CA VAL A 252 10.35 3.91 14.19
C VAL A 252 10.30 2.40 14.09
N PHE A 253 9.11 1.85 14.27
CA PHE A 253 8.84 0.43 14.09
C PHE A 253 7.84 0.25 12.95
N VAL A 254 8.08 -0.76 12.11
CA VAL A 254 7.39 -0.93 10.83
C VAL A 254 6.94 -2.38 10.72
N THR A 255 5.73 -2.61 10.21
CA THR A 255 5.38 -3.94 9.71
C THR A 255 4.78 -3.81 8.32
N THR A 256 4.93 -4.88 7.54
CA THR A 256 4.52 -4.88 6.15
C THR A 256 3.65 -6.09 5.91
N ALA A 257 2.70 -5.98 4.97
CA ALA A 257 1.81 -7.10 4.70
C ALA A 257 2.55 -8.30 4.15
N SER A 258 3.72 -8.09 3.55
CA SER A 258 4.37 -9.16 2.81
C SER A 258 5.87 -8.99 2.91
N ASN A 259 6.61 -10.02 2.46
CA ASN A 259 8.06 -9.90 2.45
C ASN A 259 8.47 -9.18 1.16
N ALA A 260 9.76 -9.16 0.86
CA ALA A 260 10.24 -8.32 -0.24
C ALA A 260 9.82 -8.85 -1.61
N GLN A 261 9.26 -10.05 -1.69
CA GLN A 261 8.94 -10.62 -3.00
C GLN A 261 7.52 -11.14 -3.14
N GLU A 262 6.77 -11.30 -2.06
CA GLU A 262 5.40 -11.78 -2.16
C GLU A 262 4.46 -10.69 -2.63
N ASN A 263 3.32 -11.11 -3.16
CA ASN A 263 2.26 -10.13 -3.34
C ASN A 263 1.41 -10.03 -2.07
N SER A 264 0.57 -9.01 -2.03
CA SER A 264 -0.38 -8.77 -0.96
C SER A 264 -1.76 -9.34 -1.35
N TRP A 265 -2.55 -9.71 -0.35
CA TRP A 265 -3.80 -10.43 -0.58
C TRP A 265 -5.01 -9.60 -0.20
N VAL A 266 -6.10 -9.85 -0.92
CA VAL A 266 -7.33 -9.04 -0.89
C VAL A 266 -8.45 -9.92 -0.35
N THR A 267 -9.28 -9.35 0.51
CA THR A 267 -10.28 -10.14 1.20
C THR A 267 -11.68 -9.56 0.98
N TYR A 268 -12.69 -10.32 1.41
CA TYR A 268 -14.09 -9.93 1.28
C TYR A 268 -14.47 -9.59 -0.17
N CYS A 269 -14.11 -10.49 -1.10
CA CYS A 269 -14.44 -10.27 -2.51
C CYS A 269 -15.76 -10.91 -2.90
N PRO A 270 -16.54 -10.43 -4.02
CA PRO A 270 -17.92 -10.91 -4.83
C PRO A 270 -17.42 -12.33 -5.15
N GLY A 271 -18.12 -13.35 -4.65
CA GLY A 271 -17.78 -14.72 -5.08
C GLY A 271 -16.92 -15.49 -4.12
N THR A 272 -16.60 -14.93 -2.97
CA THR A 272 -15.78 -15.67 -1.97
C THR A 272 -16.52 -15.73 -0.64
N GLU A 273 -15.96 -16.47 0.31
CA GLU A 273 -16.49 -16.64 1.68
C GLU A 273 -15.37 -16.24 2.65
N PRO A 274 -15.54 -15.30 3.61
CA PRO A 274 -16.84 -14.80 4.06
C PRO A 274 -17.48 -13.76 3.10
N SER A 275 -18.75 -13.99 2.82
CA SER A 275 -19.57 -13.27 1.81
C SER A 275 -19.78 -11.80 2.10
N PRO A 276 -19.38 -10.91 1.18
CA PRO A 276 -19.74 -9.51 1.25
C PRO A 276 -21.21 -9.39 0.84
N PRO A 277 -21.93 -8.30 1.18
CA PRO A 277 -23.35 -8.11 0.87
C PRO A 277 -23.48 -8.25 -0.63
N PRO A 278 -24.53 -9.06 -1.32
CA PRO A 278 -24.61 -9.48 -2.73
C PRO A 278 -24.49 -8.35 -3.73
N GLU A 279 -24.89 -7.13 -3.35
CA GLU A 279 -24.91 -6.01 -4.28
C GLU A 279 -23.51 -5.49 -4.63
N TYR A 280 -22.45 -5.99 -4.00
CA TYR A 280 -21.12 -5.46 -4.25
C TYR A 280 -20.42 -6.25 -5.34
N THR A 281 -19.81 -5.52 -6.27
CA THR A 281 -19.04 -6.10 -7.35
C THR A 281 -17.54 -5.92 -7.16
N THR A 282 -17.14 -5.29 -6.06
CA THR A 282 -15.75 -4.98 -5.78
C THR A 282 -15.42 -5.49 -4.39
N CYS A 283 -14.14 -5.80 -4.18
CA CYS A 283 -13.73 -6.34 -2.90
C CYS A 283 -13.73 -5.23 -1.83
N LEU A 284 -14.02 -5.63 -0.60
CA LEU A 284 -14.25 -4.66 0.47
C LEU A 284 -13.01 -4.28 1.25
N GLY A 285 -11.99 -5.15 1.30
CA GLY A 285 -10.89 -4.91 2.19
C GLY A 285 -9.66 -5.69 1.78
N ASP A 286 -8.57 -5.45 2.50
CA ASP A 286 -7.30 -6.12 2.27
C ASP A 286 -6.92 -6.92 3.51
N LEU A 287 -6.30 -8.08 3.26
CA LEU A 287 -6.15 -9.10 4.30
C LEU A 287 -5.39 -8.57 5.51
N TYR A 288 -4.17 -8.07 5.30
CA TYR A 288 -3.38 -7.55 6.41
C TYR A 288 -4.08 -6.37 7.09
N SER A 289 -4.73 -5.52 6.31
CA SER A 289 -5.35 -4.31 6.83
C SER A 289 -6.53 -4.64 7.74
N VAL A 290 -7.46 -5.47 7.27
CA VAL A 290 -8.58 -5.80 8.13
C VAL A 290 -8.10 -6.65 9.31
N ALA A 291 -6.98 -7.37 9.13
CA ALA A 291 -6.46 -8.20 10.22
C ALA A 291 -6.04 -7.33 11.39
N TRP A 292 -5.31 -6.26 11.14
CA TRP A 292 -4.92 -5.43 12.27
C TRP A 292 -6.08 -4.61 12.80
N MET A 293 -6.95 -4.13 11.92
CA MET A 293 -8.05 -3.28 12.39
C MET A 293 -9.08 -4.09 13.17
N GLU A 294 -9.48 -5.25 12.65
CA GLU A 294 -10.43 -6.07 13.39
C GLU A 294 -9.78 -6.65 14.64
N ASP A 295 -8.46 -6.81 14.66
CA ASP A 295 -7.79 -7.19 15.91
C ASP A 295 -7.81 -6.05 16.91
N SER A 296 -7.44 -4.84 16.50
CA SER A 296 -7.50 -3.70 17.42
C SER A 296 -8.89 -3.50 18.00
N GLU A 297 -9.92 -3.56 17.16
CA GLU A 297 -11.22 -3.17 17.68
C GLU A 297 -11.85 -4.25 18.55
N SER A 298 -11.30 -5.46 18.52
CA SER A 298 -11.80 -6.57 19.31
C SER A 298 -10.99 -6.82 20.58
N HIS A 299 -10.14 -5.86 20.98
CA HIS A 299 -9.28 -6.03 22.15
C HIS A 299 -9.19 -4.72 22.90
N ASN A 300 -8.86 -4.82 24.19
CA ASN A 300 -8.54 -3.66 25.02
C ASN A 300 -7.09 -3.27 24.75
N LEU A 301 -6.91 -2.10 24.13
CA LEU A 301 -5.59 -1.62 23.64
C LEU A 301 -4.70 -1.04 24.74
N ARG A 302 -5.20 -0.95 25.96
CA ARG A 302 -4.34 -0.53 27.09
C ARG A 302 -3.60 -1.79 27.59
N ARG A 303 -4.08 -2.97 27.22
CA ARG A 303 -3.46 -4.26 27.58
C ARG A 303 -2.75 -4.90 26.40
N GLU A 304 -3.30 -4.82 25.19
CA GLU A 304 -2.64 -5.48 24.04
C GLU A 304 -1.34 -4.76 23.66
N THR A 305 -0.28 -5.52 23.41
CA THR A 305 0.97 -4.87 23.01
C THR A 305 1.08 -4.80 21.50
N VAL A 306 1.96 -3.93 21.02
CA VAL A 306 2.33 -3.88 19.61
C VAL A 306 2.78 -5.24 19.12
N ASN A 307 3.54 -5.96 19.95
CA ASN A 307 4.00 -7.28 19.57
C ASN A 307 2.84 -8.25 19.43
N GLN A 308 1.86 -8.18 20.33
CA GLN A 308 0.75 -9.13 20.22
C GLN A 308 -0.04 -8.89 18.93
N GLN A 309 -0.25 -7.63 18.55
CA GLN A 309 -0.92 -7.36 17.27
C GLN A 309 -0.11 -7.86 16.09
N TYR A 310 1.21 -7.60 16.11
CA TYR A 310 2.06 -8.14 15.05
C TYR A 310 1.90 -9.66 14.93
N ARG A 311 1.93 -10.36 16.07
CA ARG A 311 1.81 -11.84 16.11
C ARG A 311 0.47 -12.26 15.51
N SER A 312 -0.60 -11.70 16.04
CA SER A 312 -1.95 -12.01 15.53
C SER A 312 -2.08 -11.69 14.05
N VAL A 313 -1.57 -10.52 13.64
CA VAL A 313 -1.73 -10.16 12.23
C VAL A 313 -0.91 -11.08 11.35
N LYS A 314 0.30 -11.43 11.80
CA LYS A 314 1.15 -12.35 11.05
C LYS A 314 0.44 -13.69 10.81
N GLU A 315 -0.14 -14.27 11.87
CA GLU A 315 -0.82 -15.54 11.72
C GLU A 315 -2.02 -15.43 10.79
N ARG A 316 -2.84 -14.39 10.96
CA ARG A 316 -4.02 -14.29 10.11
C ARG A 316 -3.65 -14.06 8.66
N THR A 317 -2.65 -13.20 8.40
CA THR A 317 -2.25 -12.91 7.02
C THR A 317 -1.58 -14.11 6.38
N SER A 318 -0.95 -14.99 7.16
CA SER A 318 -0.36 -16.19 6.59
C SER A 318 -1.41 -17.18 6.10
N ASN A 319 -2.66 -17.00 6.50
CA ASN A 319 -3.81 -17.80 6.00
C ASN A 319 -3.52 -19.30 6.12
N PHE A 320 -3.35 -19.77 7.36
CA PHE A 320 -3.04 -21.16 7.74
C PHE A 320 -1.67 -21.53 7.19
N LYS A 321 -0.74 -20.59 7.18
CA LYS A 321 0.62 -20.83 6.63
C LYS A 321 0.57 -21.45 5.22
N ASP A 322 -0.29 -20.93 4.36
CA ASP A 322 -0.40 -21.36 2.96
C ASP A 322 -0.04 -20.11 2.19
N TYR A 323 1.21 -20.02 1.79
CA TYR A 323 1.78 -18.83 1.12
C TYR A 323 1.43 -18.71 -0.37
N ALA A 324 0.71 -19.68 -0.89
CA ALA A 324 0.14 -19.59 -2.24
C ALA A 324 -1.18 -18.80 -2.14
N MET A 325 -1.71 -18.68 -0.92
CA MET A 325 -2.98 -18.01 -0.55
C MET A 325 -2.73 -17.02 0.61
N GLY A 326 -1.49 -16.63 0.84
CA GLY A 326 -1.20 -15.70 1.94
C GLY A 326 0.22 -15.20 1.92
N SER A 327 0.60 -14.36 2.86
CA SER A 327 1.97 -13.84 2.84
C SER A 327 2.59 -13.74 4.24
N HIS A 328 3.89 -13.46 4.25
CA HIS A 328 4.71 -13.33 5.47
C HIS A 328 4.70 -11.87 5.92
N VAL A 329 4.09 -11.59 7.06
CA VAL A 329 4.14 -10.22 7.59
C VAL A 329 5.55 -9.99 8.14
N MET A 330 6.19 -8.90 7.81
CA MET A 330 7.57 -8.65 8.25
C MET A 330 7.64 -7.47 9.21
N GLN A 331 8.72 -7.38 9.98
CA GLN A 331 8.90 -6.25 10.88
C GLN A 331 10.28 -5.66 10.66
N TYR A 332 10.37 -4.34 10.76
CA TYR A 332 11.63 -3.62 10.53
C TYR A 332 11.74 -2.49 11.57
N GLY A 333 12.93 -1.93 11.66
CA GLY A 333 13.13 -0.78 12.53
C GLY A 333 13.42 -1.14 13.97
N ASP A 334 12.87 -0.34 14.85
CA ASP A 334 13.15 -0.47 16.29
C ASP A 334 12.16 -1.42 16.93
N THR A 335 12.54 -2.69 17.08
CA THR A 335 11.69 -3.76 17.67
C THR A 335 11.43 -3.59 19.17
N ASN A 336 12.15 -2.71 19.86
CA ASN A 336 11.93 -2.39 21.29
C ASN A 336 10.54 -1.80 21.49
N ILE A 337 10.00 -1.08 20.49
CA ILE A 337 8.63 -0.50 20.43
C ILE A 337 7.56 -1.60 20.53
N THR A 338 7.83 -2.83 20.12
CA THR A 338 6.89 -3.97 20.20
C THR A 338 6.45 -4.27 21.65
N ALA A 339 7.19 -3.79 22.63
CA ALA A 339 6.88 -4.02 24.06
C ALA A 339 5.84 -3.03 24.56
N GLU A 340 5.60 -1.98 23.79
CA GLU A 340 4.67 -0.90 24.16
C GLU A 340 3.22 -1.32 23.93
N LYS A 341 2.33 -0.78 24.76
CA LYS A 341 0.87 -1.00 24.65
C LYS A 341 0.39 -0.24 23.41
N LEU A 342 -0.50 -0.86 22.65
CA LEU A 342 -1.02 -0.32 21.40
C LEU A 342 -1.73 1.03 21.58
N TYR A 343 -2.37 1.30 22.72
CA TYR A 343 -3.13 2.55 22.94
C TYR A 343 -2.24 3.78 22.82
N LEU A 344 -0.97 3.67 23.16
CA LEU A 344 -0.02 4.79 22.96
C LEU A 344 0.00 5.27 21.49
N PHE A 345 -0.36 4.38 20.57
CA PHE A 345 -0.35 4.71 19.14
C PHE A 345 -1.77 4.80 18.55
N GLN A 346 -2.67 3.90 18.94
CA GLN A 346 -4.02 3.81 18.35
C GLN A 346 -5.14 4.27 19.28
N GLY A 347 -4.83 4.76 20.46
CA GLY A 347 -5.87 5.16 21.41
C GLY A 347 -6.55 3.97 22.08
N PHE A 348 -7.57 4.23 22.88
N PHE A 348 -7.54 4.22 22.93
CA PHE A 348 -8.26 3.15 23.62
CA PHE A 348 -8.26 3.10 23.57
C PHE A 348 -9.77 3.38 23.56
C PHE A 348 -9.76 3.37 23.56
N ASP A 349 -10.51 2.32 23.27
CA ASP A 349 -11.99 2.42 23.22
C ASP A 349 -12.52 1.96 24.57
N PRO A 350 -13.18 2.82 25.37
CA PRO A 350 -13.78 2.40 26.64
C PRO A 350 -14.77 1.22 26.64
N ALA A 351 -15.37 0.86 25.52
CA ALA A 351 -16.31 -0.28 25.50
C ALA A 351 -15.58 -1.62 25.44
N THR A 352 -14.29 -1.65 25.07
CA THR A 352 -13.60 -2.95 24.92
C THR A 352 -13.15 -3.59 26.22
N VAL A 353 -13.53 -3.08 27.36
CA VAL A 353 -13.20 -3.72 28.67
C VAL A 353 -13.60 -5.19 28.63
N ASN A 354 -12.60 -6.08 28.56
CA ASN A 354 -12.55 -7.57 28.44
C ASN A 354 -12.10 -7.97 27.02
N GLU A 363 -9.88 -20.04 13.46
CA GLU A 363 -10.65 -19.24 12.47
C GLU A 363 -10.52 -19.88 11.08
N ALA A 364 -11.48 -19.61 10.21
CA ALA A 364 -11.41 -20.29 8.90
C ALA A 364 -10.34 -19.69 8.00
N LYS A 365 -9.90 -20.49 7.05
CA LYS A 365 -8.98 -20.01 6.00
C LYS A 365 -9.82 -19.07 5.14
N MET A 366 -9.31 -17.89 4.84
CA MET A 366 -10.14 -16.95 4.06
C MET A 366 -9.86 -17.17 2.58
N GLU A 367 -10.87 -17.01 1.75
CA GLU A 367 -10.64 -17.10 0.28
C GLU A 367 -10.12 -15.74 -0.14
N VAL A 368 -8.89 -15.65 -0.61
CA VAL A 368 -8.34 -14.31 -0.92
C VAL A 368 -7.85 -14.25 -2.36
N VAL A 369 -7.71 -13.04 -2.86
CA VAL A 369 -7.20 -12.85 -4.22
C VAL A 369 -6.01 -11.91 -4.16
N HIS A 370 -5.20 -12.00 -5.17
CA HIS A 370 -3.98 -11.21 -5.41
C HIS A 370 -4.36 -9.74 -5.64
N GLN A 371 -3.62 -8.77 -5.08
CA GLN A 371 -3.90 -7.34 -5.31
C GLN A 371 -3.95 -7.05 -6.81
N ARG A 372 -3.02 -7.58 -7.60
CA ARG A 372 -2.92 -7.35 -9.05
C ARG A 372 -4.06 -8.03 -9.83
N ASP A 373 -4.76 -8.98 -9.23
CA ASP A 373 -5.83 -9.70 -9.92
C ASP A 373 -7.22 -9.15 -9.64
N ALA A 374 -7.38 -8.35 -8.57
CA ALA A 374 -8.70 -7.89 -8.15
C ALA A 374 -9.36 -7.00 -9.18
N GLU A 375 -8.57 -6.24 -9.96
CA GLU A 375 -9.17 -5.35 -10.94
C GLU A 375 -9.93 -6.13 -12.00
N LEU A 376 -9.33 -7.21 -12.50
CA LEU A 376 -9.96 -8.01 -13.56
C LEU A 376 -11.13 -8.81 -13.02
N LEU A 377 -11.03 -9.29 -11.77
CA LEU A 377 -12.14 -9.97 -11.12
C LEU A 377 -13.34 -9.03 -11.03
N PHE A 378 -13.09 -7.75 -10.78
CA PHE A 378 -14.17 -6.76 -10.70
C PHE A 378 -14.82 -6.54 -12.06
N MET A 379 -14.01 -6.35 -13.11
CA MET A 379 -14.56 -6.18 -14.45
C MET A 379 -15.31 -7.43 -14.91
N TRP A 380 -14.87 -8.60 -14.47
CA TRP A 380 -15.56 -9.84 -14.81
C TRP A 380 -16.87 -9.97 -14.05
N GLN A 381 -16.87 -9.60 -12.76
CA GLN A 381 -18.14 -9.51 -12.03
C GLN A 381 -19.11 -8.59 -12.75
N MET A 382 -18.61 -7.47 -13.26
CA MET A 382 -19.47 -6.54 -13.97
C MET A 382 -19.95 -7.14 -15.28
N TYR A 383 -19.09 -7.87 -15.94
CA TYR A 383 -19.43 -8.45 -17.25
C TYR A 383 -20.57 -9.42 -17.07
N GLN A 384 -20.40 -10.31 -16.12
CA GLN A 384 -21.39 -11.36 -15.82
C GLN A 384 -22.71 -10.76 -15.35
N ARG A 385 -22.71 -9.57 -14.79
CA ARG A 385 -23.98 -9.04 -14.25
C ARG A 385 -24.63 -8.10 -15.26
N SER A 386 -24.07 -7.95 -16.43
CA SER A 386 -24.69 -6.97 -17.34
C SER A 386 -25.56 -7.65 -18.39
N ASN A 387 -25.92 -6.86 -19.40
CA ASN A 387 -26.79 -7.25 -20.53
C ASN A 387 -26.32 -6.45 -21.75
N LYS A 392 -23.36 -1.82 -20.82
CA LYS A 392 -23.20 -2.59 -22.08
C LYS A 392 -22.25 -3.76 -21.88
N LYS A 393 -22.76 -4.96 -22.16
CA LYS A 393 -22.07 -6.26 -21.97
C LYS A 393 -20.80 -6.33 -22.82
N THR A 394 -20.87 -5.95 -24.10
CA THR A 394 -19.67 -6.02 -24.97
C THR A 394 -18.75 -4.84 -24.67
N HIS A 395 -19.28 -3.75 -24.15
CA HIS A 395 -18.34 -2.63 -23.85
C HIS A 395 -17.37 -3.06 -22.75
N ILE A 396 -17.86 -3.76 -21.75
CA ILE A 396 -17.03 -4.22 -20.61
C ILE A 396 -15.99 -5.23 -21.12
N LEU A 397 -16.42 -6.19 -21.93
CA LEU A 397 -15.51 -7.24 -22.48
C LEU A 397 -14.34 -6.60 -23.22
N LYS A 398 -14.62 -5.65 -24.10
CA LYS A 398 -13.59 -4.97 -24.89
C LYS A 398 -12.69 -4.19 -23.92
N GLN A 399 -13.25 -3.76 -22.81
CA GLN A 399 -12.38 -3.12 -21.83
C GLN A 399 -11.53 -4.15 -21.09
N ILE A 400 -12.06 -5.36 -20.86
CA ILE A 400 -11.24 -6.43 -20.30
C ILE A 400 -10.11 -6.77 -21.27
N ALA A 401 -10.44 -6.88 -22.56
CA ALA A 401 -9.43 -7.18 -23.58
C ALA A 401 -8.33 -6.14 -23.58
N GLU A 402 -8.68 -4.86 -23.53
CA GLU A 402 -7.65 -3.81 -23.54
C GLU A 402 -6.78 -3.89 -22.29
N THR A 403 -7.38 -4.19 -21.12
CA THR A 403 -6.59 -4.27 -19.90
C THR A 403 -5.56 -5.40 -19.97
N VAL A 404 -5.99 -6.61 -20.37
CA VAL A 404 -5.06 -7.73 -20.50
C VAL A 404 -4.00 -7.42 -21.57
N LYS A 405 -4.42 -6.86 -22.70
CA LYS A 405 -3.47 -6.54 -23.76
C LYS A 405 -2.45 -5.51 -23.28
N HIS A 406 -2.87 -4.57 -22.44
CA HIS A 406 -1.92 -3.55 -21.96
C HIS A 406 -0.85 -4.21 -21.10
N ARG A 407 -1.28 -5.10 -20.21
CA ARG A 407 -0.40 -5.86 -19.30
C ARG A 407 0.58 -6.70 -20.11
N ASN A 408 0.08 -7.37 -21.15
N ASN A 408 0.08 -7.37 -21.15
CA ASN A 408 0.91 -8.23 -22.05
CA ASN A 408 0.91 -8.23 -22.04
C ASN A 408 1.98 -7.37 -22.72
C ASN A 408 1.97 -7.37 -22.71
N HIS A 409 1.61 -6.16 -23.12
CA HIS A 409 2.56 -5.22 -23.75
C HIS A 409 3.68 -4.91 -22.75
N LEU A 410 3.32 -4.59 -21.51
CA LEU A 410 4.33 -4.24 -20.49
C LEU A 410 5.20 -5.44 -20.18
N ASP A 411 4.59 -6.58 -19.90
CA ASP A 411 5.32 -7.83 -19.55
C ASP A 411 6.29 -8.18 -20.68
N GLY A 412 5.86 -8.11 -21.92
CA GLY A 412 6.70 -8.43 -23.08
C GLY A 412 7.81 -7.44 -23.29
N SER A 413 7.52 -6.16 -23.14
CA SER A 413 8.54 -5.10 -23.31
C SER A 413 9.67 -5.33 -22.31
N VAL A 414 9.29 -5.59 -21.05
CA VAL A 414 10.29 -5.79 -20.02
C VAL A 414 11.11 -7.06 -20.31
N GLU A 415 10.43 -8.14 -20.66
CA GLU A 415 11.14 -9.38 -20.96
C GLU A 415 12.08 -9.16 -22.14
N LEU A 416 11.64 -8.44 -23.17
CA LEU A 416 12.48 -8.21 -24.33
C LEU A 416 13.68 -7.34 -23.99
N ILE A 417 13.48 -6.37 -23.10
CA ILE A 417 14.62 -5.55 -22.68
C ILE A 417 15.66 -6.42 -22.01
N GLY A 418 15.22 -7.38 -21.19
CA GLY A 418 16.15 -8.32 -20.60
C GLY A 418 16.88 -9.16 -21.65
N VAL A 419 16.15 -9.61 -22.68
CA VAL A 419 16.78 -10.39 -23.75
C VAL A 419 17.83 -9.57 -24.48
N LEU A 420 17.50 -8.33 -24.84
CA LEU A 420 18.45 -7.51 -25.57
C LEU A 420 19.68 -7.15 -24.73
N LEU A 421 19.51 -6.99 -23.41
CA LEU A 421 20.62 -6.61 -22.54
C LEU A 421 21.52 -7.78 -22.18
N TYR A 422 20.93 -8.96 -21.92
CA TYR A 422 21.69 -10.07 -21.36
C TYR A 422 21.67 -11.33 -22.21
N GLY A 423 20.86 -11.38 -23.28
CA GLY A 423 20.70 -12.55 -24.09
C GLY A 423 19.55 -13.41 -23.63
N PRO A 424 19.04 -14.28 -24.51
CA PRO A 424 18.03 -15.25 -24.07
C PRO A 424 18.66 -16.25 -23.13
N GLY A 425 17.85 -16.82 -22.26
CA GLY A 425 18.36 -17.70 -21.24
C GLY A 425 19.05 -17.02 -20.08
N LYS A 426 19.49 -15.77 -20.21
CA LYS A 426 19.97 -15.02 -19.06
C LYS A 426 19.15 -13.78 -18.73
N GLY A 427 18.31 -13.31 -19.65
CA GLY A 427 17.50 -12.12 -19.37
C GLY A 427 16.53 -12.31 -18.23
N SER A 428 15.78 -13.41 -18.24
CA SER A 428 14.84 -13.68 -17.15
C SER A 428 15.55 -13.98 -15.84
N PRO A 429 16.60 -14.82 -15.80
CA PRO A 429 17.32 -14.99 -14.53
C PRO A 429 17.77 -13.67 -13.94
N VAL A 430 18.29 -12.76 -14.77
CA VAL A 430 18.77 -11.49 -14.26
C VAL A 430 17.61 -10.63 -13.77
N LEU A 431 16.59 -10.45 -14.61
CA LEU A 431 15.48 -9.56 -14.25
C LEU A 431 14.68 -10.07 -13.05
N GLN A 432 14.63 -11.38 -12.84
CA GLN A 432 13.73 -11.96 -11.84
C GLN A 432 14.45 -12.49 -10.60
N SER A 433 15.76 -12.41 -10.52
CA SER A 433 16.47 -12.86 -9.33
C SER A 433 16.16 -11.92 -8.17
N VAL A 434 15.93 -12.50 -6.98
CA VAL A 434 15.58 -11.78 -5.77
C VAL A 434 16.79 -11.82 -4.85
N ARG A 435 17.24 -10.65 -4.37
CA ARG A 435 18.41 -10.64 -3.51
C ARG A 435 18.10 -11.32 -2.18
N ASP A 436 19.16 -11.73 -1.48
CA ASP A 436 18.97 -12.34 -0.18
C ASP A 436 18.25 -11.37 0.76
N PRO A 437 17.39 -11.87 1.64
CA PRO A 437 16.77 -11.01 2.66
C PRO A 437 17.81 -10.23 3.44
N GLY A 438 17.49 -8.96 3.71
CA GLY A 438 18.37 -8.09 4.44
C GLY A 438 19.22 -7.20 3.57
N LEU A 439 19.28 -7.47 2.28
CA LEU A 439 20.01 -6.61 1.38
C LEU A 439 19.07 -5.60 0.73
N PRO A 440 19.57 -4.43 0.36
CA PRO A 440 18.71 -3.46 -0.31
C PRO A 440 18.32 -3.97 -1.69
N LEU A 441 17.13 -3.56 -2.14
CA LEU A 441 16.65 -3.95 -3.46
C LEU A 441 17.61 -3.49 -4.54
N VAL A 442 18.14 -2.27 -4.41
CA VAL A 442 18.91 -1.63 -5.45
C VAL A 442 19.99 -0.81 -4.77
N ASP A 443 21.16 -0.75 -5.40
CA ASP A 443 22.28 -0.05 -4.79
C ASP A 443 22.28 1.44 -5.12
N ASN A 444 21.71 1.83 -6.26
CA ASN A 444 21.62 3.22 -6.65
C ASN A 444 20.15 3.58 -6.90
N TRP A 445 19.51 4.23 -5.91
CA TRP A 445 18.09 4.55 -6.05
C TRP A 445 17.87 5.59 -7.14
N ALA A 446 18.83 6.50 -7.36
CA ALA A 446 18.71 7.43 -8.47
C ALA A 446 18.70 6.69 -9.81
N CYS A 447 19.48 5.61 -9.93
CA CYS A 447 19.47 4.81 -11.16
C CYS A 447 18.10 4.18 -11.38
N LEU A 448 17.50 3.64 -10.31
CA LEU A 448 16.18 3.03 -10.42
C LEU A 448 15.19 4.00 -11.05
N LYS A 449 15.12 5.23 -10.52
CA LYS A 449 14.22 6.23 -11.09
C LYS A 449 14.56 6.51 -12.55
N SER A 450 15.86 6.50 -12.88
CA SER A 450 16.25 6.79 -14.26
C SER A 450 15.80 5.69 -15.19
N MET A 451 15.96 4.43 -14.79
CA MET A 451 15.51 3.33 -15.65
C MET A 451 14.01 3.41 -15.89
N VAL A 452 13.23 3.70 -14.84
CA VAL A 452 11.79 3.86 -14.99
C VAL A 452 11.50 4.99 -15.98
N ARG A 453 12.18 6.13 -15.82
CA ARG A 453 12.01 7.24 -16.74
C ARG A 453 12.30 6.84 -18.18
N VAL A 454 13.43 6.16 -18.42
CA VAL A 454 13.78 5.75 -19.77
C VAL A 454 12.73 4.79 -20.32
N PHE A 455 12.28 3.84 -19.50
CA PHE A 455 11.28 2.88 -19.94
C PHE A 455 10.00 3.57 -20.37
N GLU A 456 9.48 4.45 -19.52
CA GLU A 456 8.19 5.08 -19.78
C GLU A 456 8.26 6.05 -20.95
N SER A 457 9.41 6.68 -21.17
CA SER A 457 9.53 7.56 -22.33
C SER A 457 9.40 6.76 -23.62
N HIS A 458 9.92 5.53 -23.64
CA HIS A 458 9.90 4.68 -24.83
C HIS A 458 8.67 3.78 -24.88
N CYS A 459 8.35 3.10 -23.78
CA CYS A 459 7.34 2.04 -23.78
C CYS A 459 6.01 2.47 -23.20
N GLY A 460 5.87 3.73 -22.78
CA GLY A 460 4.63 4.18 -22.18
C GLY A 460 4.63 4.04 -20.67
N SER A 461 3.56 4.55 -20.06
CA SER A 461 3.47 4.62 -18.61
C SER A 461 3.42 3.22 -18.01
N LEU A 462 4.07 3.06 -16.85
CA LEU A 462 4.05 1.76 -16.18
C LEU A 462 2.65 1.39 -15.69
N THR A 463 1.86 2.37 -15.22
CA THR A 463 0.59 2.15 -14.53
C THR A 463 0.83 1.61 -13.11
N GLN A 464 -0.21 1.11 -12.46
CA GLN A 464 -0.06 0.63 -11.06
C GLN A 464 0.40 -0.80 -11.27
N TYR A 465 -0.13 -1.45 -12.29
CA TYR A 465 0.24 -2.84 -12.53
C TYR A 465 1.74 -2.98 -12.81
N GLY A 466 2.32 -2.00 -13.48
CA GLY A 466 3.72 -2.06 -13.90
C GLY A 466 4.74 -1.96 -12.79
N MET A 467 4.33 -1.59 -11.56
CA MET A 467 5.24 -1.68 -10.41
C MET A 467 5.70 -3.11 -10.16
N LYS A 468 4.95 -4.10 -10.64
CA LYS A 468 5.45 -5.47 -10.57
C LYS A 468 6.78 -5.65 -11.29
N HIS A 469 7.13 -4.76 -12.22
CA HIS A 469 8.40 -4.84 -12.94
C HIS A 469 9.50 -4.05 -12.26
N MET A 470 9.26 -3.52 -11.07
CA MET A 470 10.25 -2.64 -10.47
C MET A 470 11.51 -3.41 -10.11
N ARG A 471 11.38 -4.65 -9.62
CA ARG A 471 12.58 -5.44 -9.32
C ARG A 471 13.42 -5.69 -10.57
N ALA A 472 12.78 -5.82 -11.74
CA ALA A 472 13.52 -5.96 -12.99
C ALA A 472 14.37 -4.72 -13.28
N PHE A 473 13.78 -3.53 -13.14
CA PHE A 473 14.55 -2.31 -13.34
C PHE A 473 15.69 -2.20 -12.31
N ALA A 474 15.39 -2.53 -11.05
CA ALA A 474 16.44 -2.51 -10.03
C ALA A 474 17.56 -3.47 -10.39
N ASN A 475 17.20 -4.64 -10.93
CA ASN A 475 18.23 -5.61 -11.29
C ASN A 475 19.04 -5.16 -12.49
N ILE A 476 18.44 -4.39 -13.40
CA ILE A 476 19.24 -3.79 -14.46
C ILE A 476 20.26 -2.83 -13.86
N CYS A 477 19.80 -1.98 -12.93
CA CYS A 477 20.71 -1.07 -12.23
C CYS A 477 21.84 -1.83 -11.56
N ASN A 478 21.50 -2.87 -10.78
CA ASN A 478 22.51 -3.58 -10.02
C ASN A 478 23.52 -4.28 -10.92
N SER A 479 23.11 -4.64 -12.13
CA SER A 479 23.97 -5.36 -13.05
C SER A 479 25.08 -4.49 -13.65
N GLY A 480 25.06 -3.18 -13.43
CA GLY A 480 26.05 -2.32 -14.01
C GLY A 480 25.82 -1.96 -15.46
N VAL A 481 24.73 -2.46 -16.07
CA VAL A 481 24.36 -2.00 -17.40
C VAL A 481 24.18 -0.48 -17.36
N SER A 482 24.78 0.21 -18.33
CA SER A 482 24.75 1.67 -18.34
C SER A 482 23.36 2.19 -18.72
N GLU A 483 23.15 3.48 -18.45
CA GLU A 483 21.93 4.13 -18.90
C GLU A 483 21.92 4.26 -20.42
N SER A 484 23.11 4.38 -21.01
CA SER A 484 23.20 4.44 -22.47
C SER A 484 22.73 3.13 -23.11
N SER A 485 23.12 1.98 -22.54
CA SER A 485 22.66 0.70 -23.07
C SER A 485 21.19 0.46 -22.79
N MET A 486 20.69 0.93 -21.64
CA MET A 486 19.27 0.84 -21.36
C MET A 486 18.47 1.62 -22.39
N GLU A 487 18.95 2.81 -22.76
CA GLU A 487 18.27 3.61 -23.78
C GLU A 487 18.19 2.84 -25.10
N GLU A 488 19.30 2.25 -25.52
CA GLU A 488 19.29 1.54 -26.81
C GLU A 488 18.33 0.35 -26.76
N ALA A 489 18.36 -0.44 -25.69
CA ALA A 489 17.46 -1.58 -25.58
C ALA A 489 16.01 -1.15 -25.59
N CYS A 490 15.69 -0.05 -24.91
CA CYS A 490 14.30 0.41 -24.84
C CYS A 490 13.80 0.90 -26.19
N MET A 491 14.69 1.52 -26.99
CA MET A 491 14.29 1.98 -28.32
C MET A 491 14.05 0.81 -29.26
N VAL A 492 14.90 -0.22 -29.21
CA VAL A 492 14.66 -1.43 -30.00
C VAL A 492 13.38 -2.10 -29.53
N ALA A 493 13.16 -2.17 -28.22
CA ALA A 493 12.02 -2.89 -27.69
C ALA A 493 10.72 -2.13 -27.89
N CYS A 494 10.80 -0.80 -27.95
CA CYS A 494 9.62 0.05 -28.05
C CYS A 494 9.87 1.21 -29.01
C1 NAG B . 16.56 -1.83 22.51
C2 NAG B . 17.79 -1.61 21.64
C3 NAG B . 18.98 -2.38 22.22
C4 NAG B . 19.15 -2.10 23.71
C5 NAG B . 17.83 -2.22 24.47
C6 NAG B . 17.92 -1.75 25.90
C7 NAG B . 17.38 -1.17 19.25
C8 NAG B . 17.12 -1.79 17.91
N2 NAG B . 17.53 -2.03 20.27
O3 NAG B . 20.17 -2.00 21.54
O4 NAG B . 20.07 -3.03 24.27
O5 NAG B . 16.83 -1.42 23.83
O6 NAG B . 17.48 -2.75 26.80
O7 NAG B . 17.45 0.05 19.40
C1 PEG C . -28.97 2.47 -6.44
O1 PEG C . -29.10 2.76 -5.08
C2 PEG C . -27.89 3.36 -7.07
O2 PEG C . -26.66 2.70 -7.16
C3 PEG C . -26.22 2.49 -8.46
C4 PEG C . -25.25 1.31 -8.50
O4 PEG C . -25.95 0.10 -8.49
#